data_1Q7R
#
_entry.id   1Q7R
#
_cell.length_a   44.947
_cell.length_b   44.947
_cell.length_c   202.668
_cell.angle_alpha   90
_cell.angle_beta   90
_cell.angle_gamma   90
#
_symmetry.space_group_name_H-M   'P 43 21 2'
#
loop_
_entity.id
_entity.type
_entity.pdbx_description
1 polymer 'predicted amidotransferase'
2 non-polymer 'SULFATE ION'
3 non-polymer 'CHLORIDE ION'
4 non-polymer 1,2-ETHANEDIOL
5 water water
#
_entity_poly.entity_id   1
_entity_poly.type   'polypeptide(L)'
_entity_poly.pdbx_seq_one_letter_code
;MHHHHHHSSGVDLGTENLYFQSN(MSE)KIGVLGLQGAVREHVRAIEACGAEAVIVKKSEQLEGLDGLVLPGGESTT
(MSE)RRLIDRYGL(MSE)EPLKQFAAAGKP(MSE)FGTCAGLILLAKRIVGYDEPHLGL(MSE)DITVERNSFGRQRES
FEAELSIKGVGDGFVGVFIRAPHIVEAGDGVDVLATYNDRIVAARQGQFLGCSFHPELTDDHRL(MSE)QYFLN(MSE)V
KEAK(MSE)ASSLK
;
_entity_poly.pdbx_strand_id   A
#
# COMPACT_ATOMS: atom_id res chain seq x y z
N LEU A 18 22.95 6.04 26.18
CA LEU A 18 21.86 7.06 26.15
C LEU A 18 20.73 6.56 25.24
N TYR A 19 19.74 7.41 24.93
CA TYR A 19 18.62 6.94 24.12
C TYR A 19 18.57 7.41 22.67
N PHE A 20 17.91 6.57 21.87
CA PHE A 20 17.71 6.83 20.46
C PHE A 20 16.26 7.24 20.23
N GLN A 21 15.97 7.66 19.01
CA GLN A 21 14.61 7.99 18.61
C GLN A 21 13.89 6.67 18.49
N SER A 22 12.59 6.68 18.78
CA SER A 22 11.75 5.50 18.61
C SER A 22 10.83 5.73 17.41
N ASN A 23 11.06 6.81 16.67
CA ASN A 23 10.22 7.13 15.51
C ASN A 23 10.43 6.09 14.41
N LYS A 25 10.62 4.75 10.58
CA LYS A 25 10.97 5.36 9.31
C LYS A 25 10.17 4.63 8.22
N ILE A 26 9.26 5.37 7.58
CA ILE A 26 8.43 4.80 6.54
C ILE A 26 8.73 5.41 5.18
N GLY A 27 9.13 4.55 4.25
CA GLY A 27 9.41 5.00 2.91
C GLY A 27 8.13 5.14 2.11
N VAL A 28 8.21 5.98 1.08
CA VAL A 28 7.13 6.18 0.13
C VAL A 28 7.80 6.03 -1.22
N LEU A 29 7.38 5.03 -1.98
CA LEU A 29 7.94 4.72 -3.28
C LEU A 29 7.32 5.64 -4.33
N GLY A 30 8.05 6.65 -4.78
CA GLY A 30 7.51 7.52 -5.80
C GLY A 30 8.35 8.75 -6.04
N LEU A 31 7.81 9.70 -6.79
CA LEU A 31 8.51 10.93 -7.12
C LEU A 31 8.12 12.05 -6.15
N GLN A 32 9.13 12.82 -5.73
CA GLN A 32 8.97 13.92 -4.78
C GLN A 32 7.61 14.64 -4.72
N GLY A 33 7.28 15.35 -5.80
CA GLY A 33 6.06 16.14 -5.86
C GLY A 33 4.72 15.43 -5.95
N ALA A 34 4.73 14.16 -6.38
CA ALA A 34 3.51 13.40 -6.52
C ALA A 34 3.09 12.68 -5.22
N VAL A 35 3.98 12.61 -4.24
CA VAL A 35 3.67 11.88 -3.02
C VAL A 35 3.56 12.72 -1.76
N ARG A 36 3.35 14.03 -1.92
CA ARG A 36 3.25 14.93 -0.79
C ARG A 36 2.14 14.55 0.16
N GLU A 37 0.98 14.13 -0.33
CA GLU A 37 -0.11 13.78 0.57
C GLU A 37 0.19 12.50 1.36
N HIS A 38 0.95 11.58 0.77
CA HIS A 38 1.35 10.36 1.44
C HIS A 38 2.34 10.70 2.56
N VAL A 39 3.28 11.59 2.26
CA VAL A 39 4.26 12.03 3.26
C VAL A 39 3.54 12.66 4.43
N ARG A 40 2.60 13.53 4.10
CA ARG A 40 1.82 14.21 5.12
C ARG A 40 1.04 13.23 5.98
N ALA A 41 0.45 12.18 5.41
CA ALA A 41 -0.35 11.24 6.21
C ALA A 41 0.55 10.46 7.16
N ILE A 42 1.71 10.07 6.68
CA ILE A 42 2.66 9.33 7.49
C ILE A 42 3.16 10.21 8.64
N GLU A 43 3.55 11.43 8.30
CA GLU A 43 4.10 12.35 9.30
C GLU A 43 3.04 12.79 10.29
N ALA A 44 1.79 12.85 9.84
CA ALA A 44 0.68 13.21 10.72
C ALA A 44 0.56 12.19 11.86
N CYS A 45 1.01 10.96 11.64
CA CYS A 45 0.98 9.94 12.69
C CYS A 45 2.28 9.84 13.49
N GLY A 46 3.18 10.80 13.32
CA GLY A 46 4.40 10.78 14.08
C GLY A 46 5.43 9.79 13.58
N ALA A 47 5.45 9.55 12.27
CA ALA A 47 6.48 8.67 11.75
C ALA A 47 7.25 9.56 10.79
N GLU A 48 8.50 9.21 10.52
CA GLU A 48 9.34 9.94 9.58
C GLU A 48 9.11 9.35 8.20
N ALA A 49 8.71 10.18 7.24
CA ALA A 49 8.51 9.71 5.87
C ALA A 49 9.82 9.87 5.11
N VAL A 50 10.19 8.89 4.31
CA VAL A 50 11.38 8.97 3.45
C VAL A 50 10.93 8.72 2.02
N ILE A 51 11.14 9.68 1.12
CA ILE A 51 10.86 9.42 -0.30
C ILE A 51 11.91 8.50 -0.88
N VAL A 52 11.47 7.36 -1.39
CA VAL A 52 12.36 6.34 -1.93
C VAL A 52 12.39 6.28 -3.46
N LYS A 53 13.60 6.45 -3.97
CA LYS A 53 13.94 6.40 -5.39
C LYS A 53 14.90 5.24 -5.60
N LYS A 54 16.04 5.30 -4.89
CA LYS A 54 17.09 4.30 -4.98
C LYS A 54 16.90 3.16 -4.00
N SER A 55 17.25 1.95 -4.46
CA SER A 55 17.11 0.75 -3.66
C SER A 55 17.86 0.77 -2.33
N GLU A 56 19.03 1.40 -2.25
CA GLU A 56 19.74 1.45 -0.98
C GLU A 56 18.93 2.17 0.11
N GLN A 57 18.04 3.07 -0.29
CA GLN A 57 17.23 3.81 0.66
C GLN A 57 16.23 2.90 1.38
N LEU A 58 16.01 1.69 0.88
CA LEU A 58 15.11 0.75 1.54
C LEU A 58 15.69 0.12 2.80
N GLU A 59 17.02 0.00 2.85
CA GLU A 59 17.63 -0.67 3.99
C GLU A 59 17.31 -0.09 5.35
N GLY A 60 17.30 1.24 5.48
CA GLY A 60 17.02 1.81 6.76
C GLY A 60 15.56 1.93 7.15
N LEU A 61 14.64 1.43 6.32
CA LEU A 61 13.21 1.60 6.63
C LEU A 61 12.58 0.53 7.50
N ASP A 62 11.53 0.92 8.19
CA ASP A 62 10.76 0.00 9.03
C ASP A 62 9.53 -0.48 8.25
N GLY A 63 9.14 0.26 7.23
CA GLY A 63 7.96 -0.07 6.45
C GLY A 63 7.96 0.75 5.19
N LEU A 64 7.07 0.42 4.26
CA LEU A 64 7.04 1.11 2.98
C LEU A 64 5.62 1.31 2.49
N VAL A 65 5.33 2.51 2.01
CA VAL A 65 4.03 2.84 1.42
C VAL A 65 4.25 2.81 -0.09
N LEU A 66 3.37 2.11 -0.80
CA LEU A 66 3.49 2.03 -2.26
C LEU A 66 2.25 2.69 -2.87
N PRO A 67 2.34 3.95 -3.25
CA PRO A 67 1.23 4.67 -3.86
C PRO A 67 0.93 4.27 -5.30
N GLY A 68 1.89 3.64 -5.98
CA GLY A 68 1.69 3.27 -7.37
C GLY A 68 1.61 4.49 -8.28
N GLY A 69 1.08 4.29 -9.47
CA GLY A 69 0.94 5.33 -10.48
C GLY A 69 0.67 4.60 -11.77
N GLU A 70 0.78 5.30 -12.90
CA GLU A 70 0.51 4.69 -14.20
C GLU A 70 1.37 3.46 -14.42
N SER A 71 0.81 2.46 -15.10
CA SER A 71 1.51 1.20 -15.28
C SER A 71 2.88 1.40 -15.92
N THR A 72 2.94 2.27 -16.93
CA THR A 72 4.18 2.52 -17.66
C THR A 72 5.21 3.20 -16.77
N THR A 73 4.76 4.12 -15.91
CA THR A 73 5.68 4.82 -15.02
C THR A 73 6.22 3.83 -13.98
N ARG A 75 6.56 0.52 -14.41
CA ARG A 75 7.45 -0.32 -15.18
C ARG A 75 8.82 0.38 -15.29
N ARG A 76 8.83 1.64 -15.73
CA ARG A 76 10.08 2.36 -15.89
C ARG A 76 10.84 2.56 -14.59
N LEU A 77 10.13 2.93 -13.53
CA LEU A 77 10.74 3.17 -12.22
C LEU A 77 11.42 1.92 -11.65
N ILE A 78 10.68 0.82 -11.65
CA ILE A 78 11.17 -0.46 -11.16
C ILE A 78 12.41 -0.90 -11.97
N ASP A 79 12.35 -0.76 -13.28
CA ASP A 79 13.48 -1.16 -14.13
C ASP A 79 14.66 -0.19 -13.98
N ARG A 80 14.41 1.10 -14.10
CA ARG A 80 15.47 2.10 -13.98
C ARG A 80 16.21 2.02 -12.65
N TYR A 81 15.50 1.82 -11.54
CA TYR A 81 16.20 1.81 -10.27
C TYR A 81 16.50 0.42 -9.72
N GLY A 82 16.23 -0.59 -10.52
CA GLY A 82 16.46 -1.98 -10.16
C GLY A 82 15.78 -2.31 -8.84
N LEU A 83 14.51 -1.96 -8.72
CA LEU A 83 13.81 -2.18 -7.47
C LEU A 83 13.20 -3.55 -7.19
N GLU A 85 14.23 -6.90 -6.97
CA GLU A 85 14.83 -7.79 -5.98
C GLU A 85 14.92 -7.10 -4.62
N PRO A 86 15.38 -5.86 -4.58
CA PRO A 86 15.38 -5.09 -3.32
C PRO A 86 13.98 -5.04 -2.69
N LEU A 87 12.92 -4.91 -3.48
CA LEU A 87 11.56 -4.92 -2.92
C LEU A 87 11.21 -6.28 -2.35
N LYS A 88 11.60 -7.33 -3.06
CA LYS A 88 11.34 -8.69 -2.61
C LYS A 88 12.17 -8.94 -1.36
N GLN A 89 13.35 -8.34 -1.28
N GLN A 89 13.35 -8.35 -1.26
CA GLN A 89 14.24 -8.45 -0.13
CA GLN A 89 14.18 -8.54 -0.07
C GLN A 89 13.59 -7.79 1.08
C GLN A 89 13.60 -7.77 1.11
N PHE A 90 13.00 -6.62 0.84
CA PHE A 90 12.36 -5.85 1.89
C PHE A 90 11.25 -6.70 2.51
N ALA A 91 10.44 -7.33 1.66
CA ALA A 91 9.37 -8.21 2.14
C ALA A 91 9.92 -9.38 2.95
N ALA A 92 11.00 -9.97 2.46
CA ALA A 92 11.61 -11.12 3.15
C ALA A 92 12.15 -10.74 4.52
N ALA A 93 12.48 -9.47 4.74
CA ALA A 93 12.95 -9.05 6.06
C ALA A 93 11.78 -8.88 7.05
N GLY A 94 10.55 -9.11 6.60
CA GLY A 94 9.36 -8.98 7.43
C GLY A 94 8.82 -7.56 7.61
N LYS A 95 9.38 -6.60 6.88
CA LYS A 95 8.94 -5.22 6.99
C LYS A 95 7.59 -5.02 6.34
N PRO A 96 6.64 -4.43 7.06
CA PRO A 96 5.33 -4.18 6.46
C PRO A 96 5.36 -3.23 5.25
N PHE A 98 2.47 -1.27 2.53
CA PHE A 98 1.11 -0.77 2.37
C PHE A 98 0.95 -0.27 0.94
N GLY A 99 0.22 -1.02 0.12
CA GLY A 99 -0.07 -0.64 -1.24
C GLY A 99 -1.41 0.08 -1.28
N THR A 100 -1.45 1.28 -1.84
CA THR A 100 -2.68 2.06 -1.90
C THR A 100 -2.98 2.38 -3.35
N CYS A 101 -4.26 2.34 -3.68
CA CYS A 101 -4.70 2.59 -5.04
C CYS A 101 -3.93 1.64 -5.94
N ALA A 102 -3.42 2.14 -7.07
CA ALA A 102 -2.69 1.26 -7.98
C ALA A 102 -1.46 0.61 -7.35
N GLY A 103 -0.97 1.15 -6.24
CA GLY A 103 0.17 0.54 -5.59
C GLY A 103 -0.17 -0.87 -5.13
N LEU A 104 -1.46 -1.13 -4.95
N LEU A 104 -1.45 -1.14 -4.95
CA LEU A 104 -1.94 -2.44 -4.55
CA LEU A 104 -1.88 -2.45 -4.51
C LEU A 104 -1.53 -3.49 -5.58
C LEU A 104 -1.53 -3.49 -5.58
N ILE A 105 -1.49 -3.07 -6.85
CA ILE A 105 -1.10 -3.98 -7.93
C ILE A 105 0.30 -4.56 -7.77
N LEU A 106 1.24 -3.73 -7.31
CA LEU A 106 2.60 -4.17 -7.06
C LEU A 106 2.67 -5.35 -6.08
N LEU A 107 1.74 -5.43 -5.13
CA LEU A 107 1.73 -6.55 -4.18
C LEU A 107 1.00 -7.81 -4.67
N ALA A 108 0.29 -7.73 -5.77
CA ALA A 108 -0.56 -8.84 -6.16
C ALA A 108 0.14 -10.02 -6.81
N LYS A 109 -0.53 -11.17 -6.73
CA LYS A 109 -0.03 -12.41 -7.32
C LYS A 109 -0.48 -12.52 -8.77
N ARG A 110 -1.69 -12.09 -9.06
CA ARG A 110 -2.23 -12.17 -10.42
C ARG A 110 -2.87 -10.87 -10.88
N ILE A 111 -2.81 -10.64 -12.18
CA ILE A 111 -3.38 -9.46 -12.79
C ILE A 111 -4.37 -9.92 -13.85
N VAL A 112 -5.46 -9.17 -13.99
CA VAL A 112 -6.41 -9.40 -15.07
C VAL A 112 -6.17 -8.16 -15.93
N GLY A 113 -5.86 -8.37 -17.20
CA GLY A 113 -5.59 -7.27 -18.11
C GLY A 113 -4.13 -7.23 -18.52
N TYR A 114 -3.70 -6.06 -19.00
CA TYR A 114 -2.32 -5.90 -19.42
C TYR A 114 -1.34 -6.17 -18.28
N ASP A 115 -0.31 -6.97 -18.56
CA ASP A 115 0.68 -7.29 -17.54
C ASP A 115 1.46 -6.05 -17.08
N GLU A 116 1.87 -6.05 -15.81
CA GLU A 116 2.65 -4.94 -15.26
C GLU A 116 3.39 -5.44 -14.01
N PRO A 117 4.27 -4.63 -13.43
CA PRO A 117 5.03 -5.07 -12.26
C PRO A 117 4.15 -5.50 -11.10
N HIS A 118 4.36 -6.72 -10.61
CA HIS A 118 3.66 -7.21 -9.45
C HIS A 118 4.60 -8.23 -8.82
N LEU A 119 4.76 -8.12 -7.50
CA LEU A 119 5.72 -8.93 -6.74
C LEU A 119 5.26 -10.26 -6.18
N GLY A 120 3.97 -10.56 -6.31
CA GLY A 120 3.43 -11.82 -5.82
C GLY A 120 3.45 -12.01 -4.31
N LEU A 121 3.25 -10.92 -3.58
CA LEU A 121 3.29 -10.97 -2.13
C LEU A 121 1.96 -11.26 -1.42
N ASP A 123 -2.01 -12.78 -1.80
CA ASP A 123 -2.79 -13.78 -2.51
C ASP A 123 -4.08 -13.16 -3.07
N ILE A 124 -3.91 -12.22 -4.01
CA ILE A 124 -5.04 -11.52 -4.61
C ILE A 124 -4.85 -11.36 -6.11
N THR A 125 -5.98 -11.25 -6.80
CA THR A 125 -6.02 -11.00 -8.22
C THR A 125 -6.59 -9.59 -8.35
N VAL A 126 -5.90 -8.77 -9.12
CA VAL A 126 -6.27 -7.38 -9.27
C VAL A 126 -6.39 -7.02 -10.74
N GLU A 127 -7.17 -5.96 -10.98
CA GLU A 127 -7.45 -5.44 -12.30
C GLU A 127 -7.45 -3.93 -12.27
N ARG A 128 -6.75 -3.30 -13.22
CA ARG A 128 -6.77 -1.85 -13.31
C ARG A 128 -8.18 -1.35 -13.57
N ASN A 129 -8.43 -0.13 -13.10
CA ASN A 129 -9.73 0.50 -13.32
C ASN A 129 -10.00 0.63 -14.82
N SER A 130 -8.99 1.08 -15.55
CA SER A 130 -9.12 1.29 -16.99
C SER A 130 -9.62 0.05 -17.70
N PHE A 131 -9.36 -1.12 -17.13
CA PHE A 131 -9.76 -2.37 -17.76
C PHE A 131 -11.21 -2.76 -17.51
N GLY A 132 -11.72 -2.51 -16.31
CA GLY A 132 -13.08 -2.90 -15.96
C GLY A 132 -14.24 -2.19 -16.63
N ARG A 133 -14.34 -0.87 -16.45
CA ARG A 133 -15.43 -0.09 -17.03
C ARG A 133 -15.09 1.40 -17.02
N GLN A 134 -16.14 2.22 -17.08
CA GLN A 134 -15.98 3.67 -17.08
C GLN A 134 -16.40 4.21 -15.71
N ARG A 135 -15.81 3.66 -14.65
CA ARG A 135 -16.14 4.06 -13.29
C ARG A 135 -15.65 5.46 -12.93
N GLU A 136 -16.59 6.38 -12.70
CA GLU A 136 -16.26 7.74 -12.32
C GLU A 136 -15.82 7.75 -10.86
N SER A 137 -14.89 8.64 -10.52
CA SER A 137 -14.37 8.73 -9.16
C SER A 137 -15.52 9.05 -8.22
N PHE A 138 -15.47 8.50 -7.01
CA PHE A 138 -16.51 8.72 -6.02
C PHE A 138 -15.94 8.55 -4.62
N GLU A 139 -16.74 8.96 -3.64
CA GLU A 139 -16.38 8.84 -2.24
C GLU A 139 -17.46 8.02 -1.54
N ALA A 140 -17.05 7.08 -0.69
CA ALA A 140 -18.02 6.29 0.08
C ALA A 140 -17.56 6.10 1.53
N GLU A 141 -18.51 6.09 2.45
CA GLU A 141 -18.22 5.87 3.87
C GLU A 141 -17.97 4.38 3.99
N LEU A 142 -16.87 4.01 4.64
CA LEU A 142 -16.55 2.60 4.75
C LEU A 142 -16.42 2.19 6.20
N SER A 143 -16.71 0.91 6.45
CA SER A 143 -16.55 0.30 7.76
C SER A 143 -15.34 -0.61 7.63
N ILE A 144 -14.23 -0.23 8.27
CA ILE A 144 -12.98 -0.97 8.15
C ILE A 144 -12.68 -1.75 9.42
N LYS A 145 -12.72 -3.06 9.27
CA LYS A 145 -12.50 -3.98 10.39
C LYS A 145 -11.18 -3.74 11.10
N GLY A 146 -11.30 -3.52 12.41
CA GLY A 146 -10.16 -3.26 13.27
C GLY A 146 -9.60 -1.86 13.16
N VAL A 147 -10.28 -1.00 12.41
CA VAL A 147 -9.83 0.37 12.18
C VAL A 147 -10.90 1.38 12.58
N GLY A 148 -12.12 1.15 12.13
CA GLY A 148 -13.21 2.05 12.47
C GLY A 148 -14.26 2.20 11.39
N ASP A 149 -15.38 2.82 11.78
CA ASP A 149 -16.48 3.08 10.86
C ASP A 149 -16.46 4.55 10.46
N GLY A 150 -17.19 4.89 9.40
CA GLY A 150 -17.27 6.26 8.93
C GLY A 150 -15.99 6.76 8.29
N PHE A 151 -15.20 5.82 7.77
CA PHE A 151 -13.95 6.17 7.08
C PHE A 151 -14.30 6.52 5.65
N VAL A 152 -13.99 7.75 5.24
CA VAL A 152 -14.31 8.12 3.87
C VAL A 152 -13.28 7.58 2.89
N GLY A 153 -13.72 6.65 2.07
CA GLY A 153 -12.85 6.05 1.08
C GLY A 153 -13.00 6.90 -0.18
N VAL A 154 -11.87 7.37 -0.68
CA VAL A 154 -11.86 8.21 -1.88
C VAL A 154 -11.35 7.35 -3.01
N PHE A 155 -12.26 6.99 -3.92
CA PHE A 155 -11.96 6.12 -5.02
C PHE A 155 -11.76 6.93 -6.30
N ILE A 156 -10.51 6.95 -6.74
CA ILE A 156 -10.16 7.70 -7.94
C ILE A 156 -9.27 6.76 -8.73
N ARG A 157 -9.79 6.26 -9.84
CA ARG A 157 -9.08 5.33 -10.70
C ARG A 157 -8.73 4.07 -9.92
N ALA A 158 -9.68 3.65 -9.08
CA ALA A 158 -9.44 2.53 -8.19
C ALA A 158 -9.33 1.19 -8.88
N PRO A 159 -8.28 0.43 -8.59
CA PRO A 159 -8.17 -0.92 -9.14
C PRO A 159 -9.25 -1.76 -8.46
N HIS A 160 -9.52 -2.91 -9.06
N HIS A 160 -9.56 -2.89 -9.05
CA HIS A 160 -10.52 -3.85 -8.56
CA HIS A 160 -10.55 -3.78 -8.46
C HIS A 160 -9.80 -5.08 -8.03
C HIS A 160 -9.81 -5.04 -8.01
N ILE A 161 -10.10 -5.49 -6.79
CA ILE A 161 -9.54 -6.71 -6.24
C ILE A 161 -10.59 -7.74 -6.67
N VAL A 162 -10.21 -8.55 -7.65
CA VAL A 162 -11.09 -9.54 -8.26
C VAL A 162 -11.28 -10.79 -7.42
N GLU A 163 -10.22 -11.23 -6.77
CA GLU A 163 -10.28 -12.43 -5.94
C GLU A 163 -9.23 -12.39 -4.84
N ALA A 164 -9.54 -13.01 -3.69
CA ALA A 164 -8.59 -13.11 -2.59
C ALA A 164 -8.62 -14.51 -2.01
N GLY A 165 -7.43 -15.06 -1.74
CA GLY A 165 -7.26 -16.39 -1.16
C GLY A 165 -7.63 -16.48 0.30
N ASP A 166 -7.72 -17.70 0.81
CA ASP A 166 -8.10 -17.93 2.20
C ASP A 166 -7.20 -17.22 3.21
N GLY A 167 -5.93 -16.99 2.89
CA GLY A 167 -5.06 -16.36 3.88
C GLY A 167 -5.18 -14.83 4.02
N VAL A 168 -5.97 -14.24 3.14
CA VAL A 168 -6.20 -12.79 3.10
C VAL A 168 -7.36 -12.38 4.01
N ASP A 169 -7.08 -11.42 4.90
CA ASP A 169 -8.00 -10.84 5.87
C ASP A 169 -8.72 -9.65 5.19
N VAL A 170 -10.01 -9.80 4.92
CA VAL A 170 -10.82 -8.73 4.32
C VAL A 170 -11.17 -7.73 5.41
N LEU A 171 -10.77 -6.47 5.21
CA LEU A 171 -11.00 -5.41 6.19
C LEU A 171 -12.19 -4.53 5.83
N ALA A 172 -12.44 -4.38 4.54
CA ALA A 172 -13.56 -3.58 4.06
C ALA A 172 -14.01 -3.97 2.66
N THR A 173 -15.31 -3.80 2.41
CA THR A 173 -15.87 -4.07 1.10
C THR A 173 -16.74 -2.89 0.72
N TYR A 174 -16.95 -2.79 -0.58
CA TYR A 174 -17.82 -1.76 -1.12
C TYR A 174 -18.56 -2.46 -2.25
N ASN A 175 -19.89 -2.50 -2.09
CA ASN A 175 -20.73 -3.22 -3.04
C ASN A 175 -20.25 -4.66 -3.12
N ASP A 176 -19.82 -5.19 -1.99
CA ASP A 176 -19.34 -6.57 -1.86
C ASP A 176 -18.05 -6.89 -2.58
N ARG A 177 -17.38 -5.83 -3.03
CA ARG A 177 -16.06 -5.99 -3.63
C ARG A 177 -15.07 -5.63 -2.54
N ILE A 178 -13.95 -6.37 -2.46
CA ILE A 178 -12.94 -6.14 -1.45
C ILE A 178 -12.21 -4.84 -1.80
N VAL A 179 -12.15 -3.92 -0.85
CA VAL A 179 -11.49 -2.62 -1.08
C VAL A 179 -10.33 -2.40 -0.12
N ALA A 180 -10.22 -3.23 0.92
CA ALA A 180 -9.10 -3.13 1.85
C ALA A 180 -8.86 -4.54 2.38
N ALA A 181 -7.60 -4.94 2.38
CA ALA A 181 -7.24 -6.29 2.80
C ALA A 181 -5.85 -6.33 3.43
N ARG A 182 -5.61 -7.36 4.22
CA ARG A 182 -4.34 -7.55 4.89
C ARG A 182 -3.96 -9.01 4.84
N GLN A 183 -2.67 -9.25 4.68
N GLN A 183 -2.67 -9.25 4.67
CA GLN A 183 -2.15 -10.60 4.75
CA GLN A 183 -2.11 -10.59 4.68
C GLN A 183 -0.77 -10.48 5.38
C GLN A 183 -0.75 -10.47 5.37
N GLY A 184 -0.69 -10.82 6.66
CA GLY A 184 0.55 -10.72 7.42
C GLY A 184 1.03 -9.27 7.46
N GLN A 185 2.23 -9.05 6.94
CA GLN A 185 2.86 -7.73 6.92
C GLN A 185 2.37 -6.86 5.76
N PHE A 186 1.51 -7.41 4.91
CA PHE A 186 1.04 -6.68 3.74
C PHE A 186 -0.34 -6.09 3.96
N LEU A 187 -0.49 -4.81 3.62
CA LEU A 187 -1.76 -4.12 3.75
C LEU A 187 -2.05 -3.50 2.39
N GLY A 188 -3.31 -3.58 1.96
CA GLY A 188 -3.68 -3.03 0.68
C GLY A 188 -5.05 -2.41 0.69
N CYS A 189 -5.22 -1.31 -0.04
CA CYS A 189 -6.53 -0.70 -0.20
C CYS A 189 -6.63 -0.11 -1.61
N SER A 190 -7.84 -0.10 -2.17
CA SER A 190 -8.02 0.39 -3.53
C SER A 190 -8.36 1.88 -3.58
N PHE A 191 -8.60 2.45 -2.42
CA PHE A 191 -8.96 3.86 -2.30
C PHE A 191 -7.71 4.64 -1.88
N HIS A 192 -7.86 5.95 -1.68
CA HIS A 192 -6.77 6.88 -1.31
C HIS A 192 -6.91 7.33 0.14
N PRO A 193 -6.36 6.60 1.09
CA PRO A 193 -6.50 6.98 2.49
C PRO A 193 -5.78 8.30 2.78
N GLU A 194 -4.82 8.67 1.95
CA GLU A 194 -4.08 9.91 2.12
C GLU A 194 -4.91 11.15 1.80
N LEU A 195 -6.05 10.97 1.14
CA LEU A 195 -6.92 12.11 0.81
C LEU A 195 -8.02 12.42 1.83
N THR A 196 -7.77 12.01 3.07
CA THR A 196 -8.65 12.36 4.18
C THR A 196 -7.74 12.70 5.35
N ASP A 197 -8.25 13.46 6.32
CA ASP A 197 -7.49 13.77 7.52
C ASP A 197 -7.75 12.71 8.59
N ASP A 198 -8.52 11.69 8.20
CA ASP A 198 -8.79 10.53 9.06
C ASP A 198 -7.51 9.69 9.00
N HIS A 199 -6.79 9.62 10.11
CA HIS A 199 -5.53 8.87 10.20
C HIS A 199 -5.66 7.46 10.75
N ARG A 200 -6.87 6.94 10.89
CA ARG A 200 -7.02 5.63 11.50
C ARG A 200 -6.42 4.47 10.73
N LEU A 201 -6.44 4.53 9.41
CA LEU A 201 -5.88 3.44 8.60
C LEU A 201 -4.35 3.49 8.60
N GLN A 203 -2.64 4.80 11.01
CA GLN A 203 -2.25 4.42 12.36
C GLN A 203 -2.24 2.89 12.46
N TYR A 204 -3.24 2.23 11.88
CA TYR A 204 -3.29 0.77 11.87
C TYR A 204 -2.02 0.21 11.20
N PHE A 205 -1.61 0.82 10.08
CA PHE A 205 -0.41 0.36 9.40
C PHE A 205 0.83 0.61 10.26
N LEU A 206 0.93 1.78 10.87
CA LEU A 206 2.08 2.11 11.69
C LEU A 206 2.18 1.15 12.87
N ASN A 207 1.03 0.70 13.38
CA ASN A 207 1.00 -0.25 14.48
C ASN A 207 1.60 -1.57 14.01
N VAL A 209 3.81 -1.81 11.72
CA VAL A 209 5.24 -1.56 11.54
C VAL A 209 5.94 -1.65 12.90
N LYS A 210 5.34 -1.07 13.93
CA LYS A 210 5.90 -1.10 15.27
C LYS A 210 6.02 -2.52 15.80
N GLU A 211 4.97 -3.32 15.62
CA GLU A 211 4.93 -4.71 16.02
C GLU A 211 6.00 -5.51 15.30
N ALA A 212 6.14 -5.29 13.99
CA ALA A 212 7.15 -6.01 13.22
C ALA A 212 8.56 -5.65 13.69
N LYS A 213 8.81 -4.39 14.01
CA LYS A 213 10.13 -3.96 14.47
C LYS A 213 10.44 -4.59 15.82
N ALA A 215 9.27 -7.39 17.01
CA ALA A 215 9.58 -8.79 16.74
C ALA A 215 10.98 -9.03 16.18
N SER A 216 11.40 -8.25 15.19
CA SER A 216 12.73 -8.43 14.61
C SER A 216 13.83 -8.21 15.66
N SER A 217 13.62 -7.26 16.55
CA SER A 217 14.58 -6.94 17.61
C SER A 217 14.82 -8.10 18.59
N LEU A 218 13.81 -8.94 18.78
CA LEU A 218 13.90 -10.06 19.74
C LEU A 218 14.29 -11.41 19.16
N LYS A 219 14.15 -11.57 17.84
CA LYS A 219 14.49 -12.84 17.21
C LYS A 219 14.39 -12.73 15.70
#